data_4JVN
#
_entry.id   4JVN
#
_cell.length_a   62.676
_cell.length_b   96.989
_cell.length_c   61.389
_cell.angle_alpha   90.00
_cell.angle_beta   92.44
_cell.angle_gamma   90.00
#
_symmetry.space_group_name_H-M   'P 1 21 1'
#
loop_
_entity.id
_entity.type
_entity.pdbx_description
1 polymer 'Estrogen sulfotransferase'
2 non-polymer 2,6-dibromo-3-(2,4-dibromophenoxy)phenol
3 non-polymer "ADENOSINE-3'-5'-DIPHOSPHATE"
4 non-polymer 'SODIUM ION'
5 non-polymer 1,2-ETHANEDIOL
6 water water
#
_entity_poly.entity_id   1
_entity_poly.type   'polypeptide(L)'
_entity_poly.pdbx_seq_one_letter_code
;MNSELDYYEKFEEVHGILMYKDFVKYWDNVEAFQARPDDLVIATYPKSGTTWVSEIVYMIYKEGDVEKCKEDVIFNRIPF
LECRKENLMNGVKQLDEMNSPRIVKTHLPPELLPASFWEKDCKIIYLCRNAKDVAVSFYYFFLMVAGHPNPGSFPEFVEK
FMQGQVPYGSWYKHVKSWWEKGKSPRVLFLFYEDLKEDIRKEVIKLIHFLERKPSEELVDRIIHHTSFQEMKNNPSTNYT
TLPDEIMNQKLSPFMRKGITGDWKNHFTEALNEKFDKHYEQQMKESTLKFRTEI
;
_entity_poly.pdbx_strand_id   A,B
#
# COMPACT_ATOMS: atom_id res chain seq x y z
N SER A 3 -10.58 19.64 -1.17
CA SER A 3 -9.44 19.05 -0.46
C SER A 3 -8.44 20.11 -0.04
N GLU A 4 -7.88 20.83 -1.01
CA GLU A 4 -7.04 21.98 -0.71
C GLU A 4 -7.90 23.05 -0.05
N LEU A 5 -9.16 23.07 -0.45
CA LEU A 5 -10.15 23.92 0.17
C LEU A 5 -10.38 23.46 1.61
N ASP A 6 -10.44 22.14 1.79
CA ASP A 6 -10.70 21.53 3.09
C ASP A 6 -9.61 21.89 4.09
N TYR A 7 -8.36 21.87 3.63
CA TYR A 7 -7.22 22.24 4.46
C TYR A 7 -7.30 23.72 4.84
N TYR A 8 -7.75 24.55 3.90
CA TYR A 8 -7.88 25.99 4.12
C TYR A 8 -8.92 26.31 5.20
N GLU A 9 -9.99 25.53 5.26
CA GLU A 9 -11.04 25.75 6.26
C GLU A 9 -10.62 25.27 7.65
N LYS A 10 -9.68 24.33 7.70
CA LYS A 10 -9.33 23.65 8.95
C LYS A 10 -8.10 24.22 9.63
N PHE A 11 -7.14 24.65 8.82
CA PHE A 11 -5.81 25.04 9.31
C PHE A 11 -5.45 26.47 8.92
N GLU A 12 -4.64 27.11 9.75
CA GLU A 12 -4.11 28.44 9.48
C GLU A 12 -2.67 28.48 9.96
N GLU A 13 -1.85 29.31 9.33
CA GLU A 13 -0.48 29.46 9.78
C GLU A 13 -0.38 30.43 10.95
N VAL A 14 0.48 30.09 11.91
CA VAL A 14 0.87 31.02 12.95
C VAL A 14 2.38 30.94 13.06
N HIS A 15 3.02 32.11 13.06
CA HIS A 15 4.48 32.20 12.99
C HIS A 15 5.07 31.32 11.89
N GLY A 16 4.36 31.23 10.76
CA GLY A 16 4.83 30.44 9.63
C GLY A 16 4.60 28.95 9.76
N ILE A 17 3.88 28.55 10.80
CA ILE A 17 3.61 27.14 11.08
C ILE A 17 2.13 26.81 10.93
N LEU A 18 1.80 25.79 10.15
CA LEU A 18 0.41 25.38 9.97
C LEU A 18 -0.15 24.86 11.29
N MET A 19 -1.40 25.22 11.59
CA MET A 19 -1.95 24.98 12.92
C MET A 19 -3.47 24.82 12.87
N TYR A 20 -4.03 24.10 13.84
CA TYR A 20 -5.48 24.02 14.02
C TYR A 20 -6.09 25.41 14.22
N LYS A 21 -7.09 25.75 13.41
CA LYS A 21 -7.69 27.08 13.43
C LYS A 21 -8.18 27.49 14.81
N ASP A 22 -8.76 26.55 15.54
CA ASP A 22 -9.27 26.82 16.89
C ASP A 22 -8.17 27.26 17.85
N PHE A 23 -6.95 26.77 17.63
CA PHE A 23 -5.83 27.13 18.50
C PHE A 23 -5.39 28.55 18.20
N VAL A 24 -5.39 28.89 16.92
CA VAL A 24 -4.82 30.14 16.44
C VAL A 24 -5.63 31.37 16.88
N LYS A 25 -6.95 31.21 16.96
CA LYS A 25 -7.83 32.32 17.34
C LYS A 25 -7.45 32.93 18.69
N TYR A 26 -6.99 32.10 19.61
CA TYR A 26 -6.57 32.56 20.93
C TYR A 26 -5.06 32.47 21.18
N TRP A 27 -4.27 32.60 20.12
CA TRP A 27 -2.82 32.40 20.23
C TRP A 27 -2.10 33.42 21.11
N ASP A 28 -2.70 34.58 21.31
CA ASP A 28 -2.12 35.58 22.21
C ASP A 28 -1.99 35.03 23.63
N ASN A 29 -2.95 34.21 24.03
CA ASN A 29 -2.90 33.57 25.34
C ASN A 29 -1.71 32.61 25.46
N VAL A 30 -1.41 31.92 24.36
CA VAL A 30 -0.23 31.06 24.33
C VAL A 30 1.04 31.90 24.33
N GLU A 31 1.06 32.91 23.46
CA GLU A 31 2.20 33.81 23.34
C GLU A 31 2.62 34.37 24.69
N ALA A 32 1.62 34.85 25.45
CA ALA A 32 1.90 35.53 26.72
C ALA A 32 1.86 34.61 27.93
N PHE A 33 1.90 33.30 27.70
CA PHE A 33 1.82 32.33 28.80
C PHE A 33 2.95 32.50 29.81
N GLN A 34 2.61 32.44 31.10
CA GLN A 34 3.58 32.62 32.15
C GLN A 34 4.02 31.29 32.75
N ALA A 35 5.26 30.92 32.47
CA ALA A 35 5.82 29.69 33.02
C ALA A 35 6.21 29.90 34.47
N ARG A 36 6.49 28.79 35.15
CA ARG A 36 7.05 28.82 36.49
C ARG A 36 8.35 28.02 36.41
N PRO A 37 9.34 28.37 37.23
CA PRO A 37 10.67 27.75 37.16
C PRO A 37 10.64 26.23 37.24
N ASP A 38 9.67 25.69 37.96
CA ASP A 38 9.62 24.23 38.14
C ASP A 38 8.72 23.52 37.12
N ASP A 39 8.20 24.26 36.15
CA ASP A 39 7.42 23.65 35.07
C ASP A 39 8.27 22.63 34.33
N LEU A 40 7.65 21.54 33.91
CA LEU A 40 8.33 20.57 33.07
C LEU A 40 7.58 20.46 31.75
N VAL A 41 8.28 20.76 30.67
CA VAL A 41 7.68 20.73 29.33
C VAL A 41 7.94 19.38 28.67
N ILE A 42 6.88 18.78 28.15
CA ILE A 42 7.01 17.60 27.30
C ILE A 42 6.63 18.00 25.89
N ALA A 43 7.61 17.99 25.00
CA ALA A 43 7.43 18.49 23.64
C ALA A 43 7.66 17.37 22.64
N THR A 44 6.77 17.25 21.67
CA THR A 44 6.86 16.22 20.64
C THR A 44 6.23 16.71 19.36
N TYR A 45 6.64 16.15 18.23
CA TYR A 45 5.86 16.29 17.02
C TYR A 45 4.66 15.39 17.24
N PRO A 46 3.49 15.77 16.69
CA PRO A 46 2.29 14.94 16.86
C PRO A 46 2.51 13.47 16.53
N LYS A 47 1.96 12.60 17.37
CA LYS A 47 1.91 11.16 17.18
C LYS A 47 3.27 10.49 17.37
N SER A 48 4.12 11.07 18.20
CA SER A 48 5.46 10.53 18.40
C SER A 48 5.59 9.76 19.71
N GLY A 49 4.49 9.66 20.46
CA GLY A 49 4.50 8.95 21.73
C GLY A 49 4.36 9.88 22.93
N THR A 50 3.69 11.01 22.72
CA THR A 50 3.51 12.01 23.77
C THR A 50 2.84 11.41 25.00
N THR A 51 1.77 10.66 24.76
CA THR A 51 1.00 10.08 25.83
C THR A 51 1.84 9.10 26.64
N TRP A 52 2.72 8.38 25.95
CA TRP A 52 3.58 7.39 26.58
C TRP A 52 4.55 8.04 27.56
N VAL A 53 5.32 9.01 27.09
CA VAL A 53 6.31 9.66 27.95
C VAL A 53 5.61 10.48 29.05
N SER A 54 4.44 11.03 28.74
CA SER A 54 3.68 11.81 29.72
C SER A 54 3.32 10.99 30.96
N GLU A 55 2.79 9.79 30.74
CA GLU A 55 2.40 8.92 31.83
C GLU A 55 3.61 8.43 32.61
N ILE A 56 4.72 8.17 31.92
CA ILE A 56 5.96 7.80 32.60
C ILE A 56 6.39 8.93 33.54
N VAL A 57 6.35 10.15 33.03
CA VAL A 57 6.77 11.32 33.81
C VAL A 57 5.84 11.54 35.00
N TYR A 58 4.54 11.40 34.76
CA TYR A 58 3.55 11.55 35.82
C TYR A 58 3.79 10.53 36.94
N MET A 59 4.14 9.30 36.57
N MET A 59 4.13 9.31 36.56
CA MET A 59 4.41 8.26 37.55
CA MET A 59 4.43 8.25 37.53
C MET A 59 5.64 8.59 38.40
C MET A 59 5.62 8.61 38.39
N ILE A 60 6.67 9.13 37.75
CA ILE A 60 7.87 9.54 38.48
C ILE A 60 7.56 10.66 39.48
N TYR A 61 6.71 11.59 39.07
CA TYR A 61 6.25 12.65 39.96
C TYR A 61 5.50 12.11 41.16
N LYS A 62 4.61 11.15 40.91
CA LYS A 62 3.80 10.57 41.97
C LYS A 62 4.48 9.39 42.66
N GLU A 63 5.79 9.25 42.44
CA GLU A 63 6.60 8.17 43.04
C GLU A 63 6.02 6.77 42.81
N GLY A 64 5.38 6.59 41.65
CA GLY A 64 4.86 5.28 41.27
C GLY A 64 3.51 4.93 41.87
N ASP A 65 2.79 5.93 42.37
CA ASP A 65 1.46 5.71 42.95
C ASP A 65 0.40 5.73 41.84
N VAL A 66 0.00 4.53 41.40
CA VAL A 66 -0.92 4.38 40.28
C VAL A 66 -2.29 5.02 40.55
N GLU A 67 -2.74 4.93 41.80
CA GLU A 67 -4.01 5.54 42.19
C GLU A 67 -4.01 7.04 41.92
N LYS A 68 -2.89 7.70 42.24
CA LYS A 68 -2.77 9.14 42.02
C LYS A 68 -2.77 9.51 40.54
N CYS A 69 -2.43 8.55 39.68
CA CYS A 69 -2.37 8.78 38.24
C CYS A 69 -3.72 8.59 37.56
N LYS A 70 -4.72 8.16 38.32
CA LYS A 70 -6.05 7.92 37.76
C LYS A 70 -7.07 8.88 38.36
N GLU A 71 -6.60 9.82 39.17
CA GLU A 71 -7.46 10.83 39.79
C GLU A 71 -8.23 11.65 38.74
N ASP A 72 -7.65 11.77 37.56
CA ASP A 72 -8.31 12.42 36.44
C ASP A 72 -7.70 11.87 35.14
N VAL A 73 -8.34 12.14 34.02
CA VAL A 73 -7.82 11.69 32.73
C VAL A 73 -6.53 12.43 32.39
N ILE A 74 -5.69 11.82 31.55
CA ILE A 74 -4.36 12.35 31.28
C ILE A 74 -4.37 13.76 30.70
N PHE A 75 -5.37 14.09 29.89
CA PHE A 75 -5.41 15.41 29.28
C PHE A 75 -5.84 16.50 30.25
N ASN A 76 -6.26 16.11 31.46
CA ASN A 76 -6.52 17.06 32.53
C ASN A 76 -5.36 17.13 33.52
N ARG A 77 -4.69 16.01 33.73
CA ARG A 77 -3.50 15.96 34.60
C ARG A 77 -2.33 16.70 33.97
N ILE A 78 -2.22 16.59 32.64
CA ILE A 78 -1.11 17.18 31.90
C ILE A 78 -1.69 17.99 30.74
N PRO A 79 -1.98 19.28 31.00
CA PRO A 79 -2.65 20.10 30.01
C PRO A 79 -1.83 20.31 28.73
N PHE A 80 -2.56 20.36 27.62
CA PHE A 80 -2.03 20.58 26.29
C PHE A 80 -1.97 22.10 26.10
N LEU A 81 -0.77 22.66 26.26
CA LEU A 81 -0.54 24.11 26.32
C LEU A 81 -1.31 24.99 25.32
N GLU A 82 -1.09 24.76 24.03
CA GLU A 82 -1.65 25.63 23.01
C GLU A 82 -3.07 25.22 22.58
N CYS A 83 -3.62 24.23 23.24
CA CYS A 83 -4.91 23.73 22.80
C CYS A 83 -6.05 24.60 23.29
N ARG A 84 -7.05 24.76 22.42
CA ARG A 84 -8.18 25.60 22.72
C ARG A 84 -9.39 25.24 21.86
N LYS A 85 -10.51 24.96 22.51
CA LYS A 85 -11.76 24.68 21.81
C LYS A 85 -12.80 25.71 22.24
N GLU A 86 -12.56 26.97 21.90
CA GLU A 86 -13.37 28.08 22.37
C GLU A 86 -13.46 28.08 23.90
N ASN A 87 -14.55 27.51 24.42
CA ASN A 87 -14.75 27.45 25.87
C ASN A 87 -14.96 26.02 26.38
N LEU A 88 -14.64 25.04 25.54
CA LEU A 88 -14.83 23.63 25.88
C LEU A 88 -13.56 23.03 26.48
N MET A 89 -12.41 23.38 25.92
CA MET A 89 -11.11 22.93 26.44
C MET A 89 -10.12 24.09 26.32
N ASN A 90 -9.23 24.22 27.30
CA ASN A 90 -8.36 25.40 27.37
C ASN A 90 -7.05 25.11 28.09
N GLY A 91 -5.99 24.85 27.34
CA GLY A 91 -4.71 24.51 27.92
C GLY A 91 -4.14 25.57 28.85
N VAL A 92 -4.12 26.81 28.39
CA VAL A 92 -3.57 27.92 29.16
C VAL A 92 -4.34 28.13 30.45
N LYS A 93 -5.67 28.10 30.37
CA LYS A 93 -6.51 28.22 31.56
C LYS A 93 -6.24 27.09 32.56
N GLN A 94 -6.11 25.87 32.05
CA GLN A 94 -5.94 24.70 32.92
C GLN A 94 -4.60 24.76 33.64
N LEU A 95 -3.59 25.27 32.96
CA LEU A 95 -2.25 25.41 33.54
C LEU A 95 -2.22 26.56 34.56
N ASP A 96 -2.89 27.66 34.24
CA ASP A 96 -2.92 28.82 35.14
C ASP A 96 -3.47 28.45 36.52
N GLU A 97 -4.49 27.58 36.54
CA GLU A 97 -5.19 27.27 37.78
C GLU A 97 -4.55 26.10 38.51
N MET A 98 -3.49 25.56 37.91
N MET A 98 -3.51 25.54 37.92
CA MET A 98 -2.86 24.36 38.41
CA MET A 98 -2.92 24.30 38.42
C MET A 98 -1.94 24.64 39.59
C MET A 98 -1.84 24.51 39.48
N ASN A 99 -1.89 23.69 40.52
CA ASN A 99 -0.85 23.69 41.55
CA ASN A 99 -0.86 23.68 41.56
C ASN A 99 0.44 23.15 40.98
N SER A 100 1.55 23.78 41.34
CA SER A 100 2.85 23.30 40.91
C SER A 100 3.19 22.02 41.67
N PRO A 101 4.06 21.18 41.12
CA PRO A 101 4.77 21.32 39.83
C PRO A 101 3.90 20.94 38.63
N ARG A 102 3.93 21.77 37.60
CA ARG A 102 3.12 21.55 36.41
C ARG A 102 3.88 20.75 35.38
N ILE A 103 3.17 19.85 34.70
CA ILE A 103 3.72 19.18 33.53
C ILE A 103 2.93 19.68 32.32
N VAL A 104 3.65 20.17 31.31
CA VAL A 104 3.04 20.84 30.18
C VAL A 104 3.25 20.04 28.90
N LYS A 105 2.16 19.69 28.22
CA LYS A 105 2.25 19.05 26.91
C LYS A 105 2.21 20.10 25.80
N THR A 106 3.10 19.96 24.81
CA THR A 106 3.08 20.84 23.66
C THR A 106 3.60 20.12 22.42
N HIS A 107 3.18 20.59 21.25
CA HIS A 107 3.74 20.06 20.02
C HIS A 107 4.54 21.13 19.27
N LEU A 108 4.87 22.21 19.96
CA LEU A 108 5.49 23.36 19.31
C LEU A 108 6.96 23.17 18.96
N PRO A 109 7.38 23.67 17.78
CA PRO A 109 8.81 23.75 17.47
C PRO A 109 9.43 24.76 18.44
N PRO A 110 10.74 24.65 18.69
CA PRO A 110 11.37 25.46 19.75
C PRO A 110 11.13 26.96 19.57
N GLU A 111 11.08 27.42 18.31
CA GLU A 111 10.91 28.84 18.02
C GLU A 111 9.54 29.37 18.45
N LEU A 112 8.55 28.49 18.55
CA LEU A 112 7.19 28.92 18.88
C LEU A 112 6.85 28.73 20.36
N LEU A 113 7.72 28.04 21.09
CA LEU A 113 7.50 27.85 22.52
C LEU A 113 7.47 29.21 23.20
N PRO A 114 6.49 29.44 24.09
CA PRO A 114 6.39 30.73 24.77
C PRO A 114 7.68 31.12 25.47
N ALA A 115 8.10 32.37 25.25
CA ALA A 115 9.35 32.91 25.76
C ALA A 115 9.59 32.68 27.25
N SER A 116 8.51 32.66 28.01
CA SER A 116 8.61 32.50 29.46
C SER A 116 9.27 31.18 29.86
N PHE A 117 9.01 30.11 29.11
CA PHE A 117 9.66 28.83 29.39
C PHE A 117 11.18 28.94 29.27
N TRP A 118 11.64 29.62 28.22
CA TRP A 118 13.08 29.82 28.03
C TRP A 118 13.66 30.74 29.10
N GLU A 119 12.95 31.84 29.39
CA GLU A 119 13.41 32.80 30.39
C GLU A 119 13.59 32.17 31.78
N LYS A 120 12.66 31.30 32.16
CA LYS A 120 12.74 30.68 33.48
C LYS A 120 13.57 29.39 33.47
N ASP A 121 14.08 29.04 32.30
CA ASP A 121 15.00 27.90 32.14
C ASP A 121 14.36 26.55 32.51
N CYS A 122 13.08 26.38 32.19
CA CYS A 122 12.38 25.16 32.52
C CYS A 122 12.99 23.94 31.82
N LYS A 123 13.01 22.82 32.53
CA LYS A 123 13.40 21.55 31.92
C LYS A 123 12.41 21.15 30.82
N ILE A 124 12.95 20.56 29.76
CA ILE A 124 12.14 20.12 28.64
C ILE A 124 12.53 18.69 28.31
N ILE A 125 11.53 17.85 28.08
CA ILE A 125 11.77 16.53 27.50
C ILE A 125 11.22 16.53 26.09
N TYR A 126 12.08 16.21 25.13
CA TYR A 126 11.66 16.09 23.75
C TYR A 126 11.68 14.64 23.31
N LEU A 127 10.57 14.19 22.74
CA LEU A 127 10.47 12.83 22.23
C LEU A 127 10.24 12.85 20.72
N CYS A 128 10.98 12.04 19.99
CA CYS A 128 10.75 11.94 18.56
C CYS A 128 10.68 10.49 18.13
N ARG A 129 10.17 10.30 16.91
CA ARG A 129 9.84 8.99 16.38
C ARG A 129 10.15 9.08 14.89
N ASN A 130 10.53 7.96 14.28
CA ASN A 130 10.85 7.96 12.85
C ASN A 130 9.68 8.48 12.02
N ALA A 131 10.00 9.26 11.00
CA ALA A 131 9.01 10.01 10.25
C ALA A 131 7.94 9.13 9.60
N LYS A 132 8.35 7.98 9.07
CA LYS A 132 7.40 7.08 8.42
C LYS A 132 6.31 6.55 9.37
N ASP A 133 6.70 6.15 10.58
CA ASP A 133 5.74 5.70 11.57
C ASP A 133 4.84 6.84 12.05
N VAL A 134 5.43 8.02 12.19
CA VAL A 134 4.69 9.20 12.56
C VAL A 134 3.61 9.45 11.52
N ALA A 135 4.00 9.38 10.25
CA ALA A 135 3.09 9.65 9.14
C ALA A 135 1.87 8.72 9.16
N VAL A 136 2.11 7.44 9.41
CA VAL A 136 1.04 6.45 9.51
C VAL A 136 0.07 6.80 10.64
N SER A 137 0.63 7.01 11.82
CA SER A 137 -0.13 7.35 13.01
C SER A 137 -0.92 8.66 12.83
N PHE A 138 -0.28 9.65 12.22
CA PHE A 138 -0.92 10.95 12.00
C PHE A 138 -2.09 10.81 11.02
N TYR A 139 -1.91 9.94 10.02
CA TYR A 139 -2.93 9.69 9.02
C TYR A 139 -4.23 9.18 9.64
N TYR A 140 -4.12 8.17 10.50
CA TYR A 140 -5.28 7.61 11.17
C TYR A 140 -5.90 8.60 12.14
N PHE A 141 -5.04 9.41 12.75
CA PHE A 141 -5.47 10.50 13.63
C PHE A 141 -6.35 11.50 12.87
N PHE A 142 -5.94 11.87 11.65
CA PHE A 142 -6.74 12.75 10.81
C PHE A 142 -8.14 12.15 10.61
N LEU A 143 -8.16 10.84 10.39
CA LEU A 143 -9.42 10.12 10.19
C LEU A 143 -10.31 10.07 11.44
N MET A 144 -9.71 9.80 12.59
CA MET A 144 -10.48 9.61 13.83
C MET A 144 -10.99 10.91 14.45
N VAL A 145 -10.19 11.97 14.37
CA VAL A 145 -10.40 13.18 15.17
C VAL A 145 -11.08 14.32 14.40
N ALA A 146 -12.06 14.95 15.05
CA ALA A 146 -12.74 16.12 14.47
C ALA A 146 -11.80 17.31 14.30
N GLY A 147 -12.07 18.14 13.30
CA GLY A 147 -11.24 19.31 13.05
C GLY A 147 -10.14 19.09 12.03
N HIS A 148 -10.12 17.88 11.45
CA HIS A 148 -9.18 17.58 10.37
C HIS A 148 -9.93 17.50 9.04
N PRO A 149 -9.25 17.82 7.94
CA PRO A 149 -9.83 17.61 6.61
C PRO A 149 -9.72 16.13 6.26
N ASN A 150 -10.42 15.70 5.22
CA ASN A 150 -10.23 14.36 4.70
C ASN A 150 -8.81 14.26 4.17
N PRO A 151 -8.01 13.31 4.71
CA PRO A 151 -6.60 13.22 4.30
C PRO A 151 -6.45 12.52 2.96
N GLY A 152 -7.56 12.02 2.42
CA GLY A 152 -7.53 11.31 1.16
C GLY A 152 -6.86 9.96 1.30
N SER A 153 -6.16 9.54 0.26
CA SER A 153 -5.41 8.28 0.30
C SER A 153 -4.14 8.49 1.09
N PHE A 154 -3.53 7.40 1.54
CA PHE A 154 -2.28 7.50 2.29
C PHE A 154 -1.13 8.13 1.48
N PRO A 155 -0.96 7.78 0.19
CA PRO A 155 0.08 8.46 -0.58
C PRO A 155 -0.16 9.97 -0.69
N GLU A 156 -1.42 10.38 -0.81
CA GLU A 156 -1.75 11.79 -0.88
C GLU A 156 -1.42 12.49 0.43
N PHE A 157 -1.68 11.81 1.55
CA PHE A 157 -1.37 12.37 2.86
C PHE A 157 0.14 12.51 3.05
N VAL A 158 0.87 11.47 2.68
CA VAL A 158 2.32 11.47 2.79
C VAL A 158 2.95 12.61 1.99
N GLU A 159 2.33 12.95 0.87
CA GLU A 159 2.79 14.07 0.06
C GLU A 159 2.64 15.40 0.84
N LYS A 160 1.53 15.53 1.57
CA LYS A 160 1.33 16.70 2.43
C LYS A 160 2.34 16.70 3.58
N PHE A 161 2.60 15.50 4.12
CA PHE A 161 3.56 15.33 5.21
C PHE A 161 4.96 15.78 4.80
N MET A 162 5.40 15.30 3.64
CA MET A 162 6.74 15.63 3.15
C MET A 162 6.91 17.13 2.97
N GLN A 163 5.82 17.83 2.62
CA GLN A 163 5.88 19.26 2.38
C GLN A 163 5.61 20.08 3.65
N GLY A 164 5.35 19.38 4.75
CA GLY A 164 5.10 20.04 6.01
C GLY A 164 3.77 20.77 6.03
N GLN A 165 2.85 20.32 5.18
CA GLN A 165 1.52 20.93 5.10
C GLN A 165 0.52 20.17 5.97
N VAL A 166 0.88 19.99 7.24
CA VAL A 166 0.02 19.36 8.23
C VAL A 166 0.20 20.18 9.50
N PRO A 167 -0.72 20.03 10.47
CA PRO A 167 -0.55 20.79 11.72
C PRO A 167 0.83 20.59 12.35
N TYR A 168 1.40 21.69 12.84
CA TYR A 168 2.74 21.77 13.42
C TYR A 168 3.87 21.76 12.40
N GLY A 169 3.50 21.77 11.13
CA GLY A 169 4.47 21.97 10.06
C GLY A 169 5.36 20.78 9.76
N SER A 170 6.55 21.08 9.24
CA SER A 170 7.54 20.09 8.86
C SER A 170 8.09 19.29 10.04
N TRP A 171 7.93 17.97 9.97
CA TRP A 171 8.53 17.06 10.95
C TRP A 171 10.04 17.22 10.91
N TYR A 172 10.56 17.40 9.70
CA TYR A 172 12.00 17.51 9.45
C TYR A 172 12.60 18.69 10.21
N LYS A 173 11.98 19.85 10.06
CA LYS A 173 12.44 21.05 10.75
C LYS A 173 12.22 20.96 12.26
N HIS A 174 11.13 20.32 12.66
CA HIS A 174 10.79 20.12 14.06
C HIS A 174 11.88 19.36 14.80
N VAL A 175 12.16 18.13 14.36
CA VAL A 175 13.15 17.30 15.02
C VAL A 175 14.56 17.92 14.94
N LYS A 176 14.89 18.52 13.80
CA LYS A 176 16.21 19.12 13.63
C LYS A 176 16.40 20.34 14.54
N SER A 177 15.35 21.14 14.70
CA SER A 177 15.44 22.30 15.58
C SER A 177 15.57 21.86 17.03
N TRP A 178 14.76 20.89 17.43
CA TRP A 178 14.80 20.39 18.81
C TRP A 178 16.09 19.65 19.12
N TRP A 179 16.66 19.00 18.11
CA TRP A 179 17.95 18.30 18.25
C TRP A 179 19.04 19.27 18.65
N GLU A 180 19.02 20.46 18.06
CA GLU A 180 19.97 21.52 18.45
C GLU A 180 19.76 21.96 19.90
N LYS A 181 18.51 22.16 20.28
CA LYS A 181 18.18 22.51 21.66
C LYS A 181 18.59 21.42 22.65
N GLY A 182 18.61 20.17 22.18
CA GLY A 182 18.91 19.03 23.03
C GLY A 182 20.33 18.99 23.55
N LYS A 183 21.16 19.88 23.03
CA LYS A 183 22.53 20.03 23.48
C LYS A 183 22.57 20.75 24.83
N SER A 184 21.53 21.53 25.10
CA SER A 184 21.37 22.16 26.40
C SER A 184 21.23 21.11 27.49
N PRO A 185 21.74 21.40 28.69
CA PRO A 185 21.58 20.48 29.82
C PRO A 185 20.12 20.40 30.28
N ARG A 186 19.34 21.43 29.98
CA ARG A 186 17.95 21.50 30.41
C ARG A 186 16.98 20.75 29.49
N VAL A 187 17.51 20.22 28.39
CA VAL A 187 16.68 19.55 27.39
C VAL A 187 17.10 18.10 27.21
N LEU A 188 16.20 17.17 27.48
CA LEU A 188 16.49 15.74 27.31
C LEU A 188 15.85 15.25 26.02
N PHE A 189 16.69 14.72 25.12
CA PHE A 189 16.24 14.31 23.79
C PHE A 189 16.07 12.79 23.71
N LEU A 190 14.83 12.32 23.57
CA LEU A 190 14.54 10.89 23.56
C LEU A 190 13.98 10.40 22.22
N PHE A 191 14.12 9.10 21.96
CA PHE A 191 13.60 8.48 20.75
C PHE A 191 12.57 7.42 21.10
N TYR A 192 11.43 7.46 20.39
CA TYR A 192 10.37 6.48 20.59
C TYR A 192 10.92 5.06 20.46
N GLU A 193 11.78 4.86 19.47
CA GLU A 193 12.33 3.55 19.17
C GLU A 193 13.22 3.03 20.31
N ASP A 194 13.83 3.96 21.05
CA ASP A 194 14.63 3.58 22.21
C ASP A 194 13.77 3.10 23.38
N LEU A 195 12.62 3.74 23.58
CA LEU A 195 11.68 3.30 24.61
C LEU A 195 11.12 1.91 24.28
N LYS A 196 10.94 1.62 22.99
CA LYS A 196 10.52 0.29 22.56
C LYS A 196 11.59 -0.75 22.85
N GLU A 197 12.83 -0.40 22.50
CA GLU A 197 13.96 -1.33 22.56
C GLU A 197 14.38 -1.69 23.97
N ASP A 198 14.52 -0.67 24.82
CA ASP A 198 14.97 -0.85 26.19
C ASP A 198 14.29 0.16 27.11
N ILE A 199 13.07 -0.15 27.53
CA ILE A 199 12.27 0.77 28.32
C ILE A 199 12.90 1.07 29.68
N ARG A 200 13.50 0.06 30.30
CA ARG A 200 14.14 0.25 31.61
C ARG A 200 15.25 1.30 31.54
N LYS A 201 16.07 1.22 30.49
CA LYS A 201 17.16 2.17 30.29
C LYS A 201 16.67 3.61 30.18
N GLU A 202 15.59 3.82 29.41
CA GLU A 202 15.05 5.16 29.22
C GLU A 202 14.31 5.64 30.47
N VAL A 203 13.63 4.74 31.16
CA VAL A 203 12.96 5.09 32.40
C VAL A 203 13.97 5.58 33.44
N ILE A 204 15.06 4.85 33.60
CA ILE A 204 16.12 5.24 34.54
C ILE A 204 16.75 6.57 34.11
N LYS A 205 16.90 6.76 32.80
CA LYS A 205 17.38 8.02 32.26
C LYS A 205 16.44 9.16 32.64
N LEU A 206 15.14 8.91 32.57
CA LEU A 206 14.16 9.93 32.91
C LEU A 206 14.17 10.27 34.39
N ILE A 207 14.31 9.25 35.24
CA ILE A 207 14.38 9.45 36.68
C ILE A 207 15.56 10.34 37.08
N HIS A 208 16.72 10.07 36.49
CA HIS A 208 17.92 10.86 36.78
C HIS A 208 17.80 12.29 36.26
N PHE A 209 17.17 12.46 35.11
CA PHE A 209 16.99 13.78 34.54
C PHE A 209 16.07 14.64 35.42
N LEU A 210 15.10 14.00 36.05
CA LEU A 210 14.16 14.70 36.89
C LEU A 210 14.61 14.72 38.34
N GLU A 211 15.86 14.32 38.57
CA GLU A 211 16.49 14.36 39.89
C GLU A 211 15.75 13.58 40.98
N ARG A 212 15.22 12.41 40.62
CA ARG A 212 14.60 11.52 41.58
C ARG A 212 15.50 10.32 41.86
N LYS A 213 15.11 9.51 42.83
CA LYS A 213 15.89 8.34 43.20
C LYS A 213 15.38 7.10 42.49
N PRO A 214 16.26 6.43 41.73
CA PRO A 214 15.91 5.18 41.05
C PRO A 214 15.90 4.00 42.00
N SER A 215 14.87 3.17 41.91
CA SER A 215 14.78 1.94 42.69
C SER A 215 14.09 0.91 41.82
N GLU A 216 14.38 -0.36 42.05
CA GLU A 216 13.82 -1.40 41.21
C GLU A 216 12.30 -1.43 41.27
N GLU A 217 11.76 -1.20 42.46
CA GLU A 217 10.31 -1.26 42.66
C GLU A 217 9.59 -0.15 41.90
N LEU A 218 10.12 1.06 41.98
CA LEU A 218 9.53 2.20 41.26
C LEU A 218 9.66 1.97 39.76
N VAL A 219 10.87 1.60 39.34
CA VAL A 219 11.14 1.34 37.93
C VAL A 219 10.23 0.24 37.39
N ASP A 220 10.07 -0.83 38.16
CA ASP A 220 9.19 -1.94 37.75
C ASP A 220 7.73 -1.49 37.63
N ARG A 221 7.28 -0.64 38.55
CA ARG A 221 5.90 -0.17 38.52
C ARG A 221 5.62 0.67 37.28
N ILE A 222 6.56 1.57 36.95
CA ILE A 222 6.43 2.39 35.76
C ILE A 222 6.36 1.55 34.49
N ILE A 223 7.23 0.54 34.41
CA ILE A 223 7.36 -0.26 33.21
C ILE A 223 6.07 -0.98 32.82
N HIS A 224 5.43 -1.65 33.77
CA HIS A 224 4.21 -2.37 33.42
C HIS A 224 3.00 -1.45 33.34
N HIS A 225 2.97 -0.41 34.17
CA HIS A 225 1.89 0.58 34.11
C HIS A 225 1.86 1.33 32.77
N THR A 226 3.03 1.63 32.23
CA THR A 226 3.11 2.40 30.98
C THR A 226 3.28 1.53 29.74
N SER A 227 3.17 0.21 29.90
CA SER A 227 3.22 -0.69 28.76
C SER A 227 2.01 -0.43 27.87
N PHE A 228 2.12 -0.76 26.60
CA PHE A 228 1.06 -0.45 25.64
C PHE A 228 -0.27 -1.08 26.02
N GLN A 229 -0.24 -2.37 26.38
CA GLN A 229 -1.47 -3.07 26.68
C GLN A 229 -2.19 -2.47 27.89
N GLU A 230 -1.44 -2.06 28.90
CA GLU A 230 -2.04 -1.44 30.08
C GLU A 230 -2.62 -0.07 29.76
N MET A 231 -1.87 0.76 29.04
CA MET A 231 -2.33 2.10 28.73
C MET A 231 -3.51 2.07 27.76
N LYS A 232 -3.56 1.06 26.91
CA LYS A 232 -4.68 0.88 26.00
C LYS A 232 -5.97 0.57 26.75
N ASN A 233 -5.83 -0.10 27.89
CA ASN A 233 -6.99 -0.52 28.69
C ASN A 233 -7.34 0.48 29.77
N ASN A 234 -6.51 1.51 29.91
CA ASN A 234 -6.68 2.51 30.96
C ASN A 234 -7.46 3.72 30.44
N PRO A 235 -8.70 3.89 30.92
CA PRO A 235 -9.59 5.00 30.52
C PRO A 235 -9.01 6.36 30.89
N SER A 236 -8.02 6.37 31.76
CA SER A 236 -7.33 7.60 32.13
C SER A 236 -6.37 8.03 31.03
N THR A 237 -5.89 7.07 30.25
CA THR A 237 -4.85 7.34 29.26
C THR A 237 -5.21 7.03 27.81
N ASN A 238 -6.37 6.42 27.57
CA ASN A 238 -6.71 5.98 26.22
C ASN A 238 -7.76 6.84 25.52
N TYR A 239 -8.12 7.96 26.14
CA TYR A 239 -8.97 8.97 25.53
C TYR A 239 -10.41 8.52 25.24
N THR A 240 -10.78 7.35 25.77
CA THR A 240 -12.13 6.83 25.54
C THR A 240 -13.22 7.58 26.31
N THR A 241 -12.83 8.47 27.22
CA THR A 241 -13.82 9.31 27.90
C THR A 241 -14.30 10.44 26.99
N LEU A 242 -13.61 10.65 25.88
CA LEU A 242 -14.04 11.62 24.89
C LEU A 242 -15.15 11.04 24.01
N PRO A 243 -16.16 11.86 23.70
CA PRO A 243 -17.26 11.42 22.83
C PRO A 243 -16.78 11.18 21.40
N ASP A 244 -17.49 10.32 20.67
CA ASP A 244 -17.13 9.94 19.31
C ASP A 244 -17.12 11.12 18.33
N GLU A 245 -17.89 12.16 18.64
CA GLU A 245 -17.97 13.35 17.80
C GLU A 245 -16.70 14.19 17.91
N ILE A 246 -15.83 13.82 18.85
CA ILE A 246 -14.56 14.50 19.06
C ILE A 246 -13.40 13.58 18.66
N MET A 247 -13.39 12.38 19.24
N MET A 247 -13.42 12.37 19.21
CA MET A 247 -12.49 11.31 18.82
CA MET A 247 -12.51 11.33 18.78
C MET A 247 -13.35 10.09 18.59
C MET A 247 -13.32 10.07 18.58
N ASN A 248 -13.49 9.67 17.33
CA ASN A 248 -14.26 8.48 16.98
C ASN A 248 -13.37 7.25 16.95
N GLN A 249 -13.17 6.62 18.10
CA GLN A 249 -12.25 5.50 18.21
C GLN A 249 -12.81 4.20 17.62
N LYS A 250 -14.05 4.24 17.14
CA LYS A 250 -14.62 3.12 16.44
C LYS A 250 -14.03 3.02 15.04
N LEU A 251 -13.58 4.14 14.50
CA LEU A 251 -12.86 4.15 13.23
C LEU A 251 -11.43 3.69 13.46
N SER A 252 -10.82 4.21 14.52
CA SER A 252 -9.44 3.91 14.85
C SER A 252 -9.15 4.32 16.29
N PRO A 253 -8.68 3.38 17.12
CA PRO A 253 -8.39 3.70 18.52
C PRO A 253 -7.17 4.61 18.65
N PHE A 254 -7.14 5.43 19.71
CA PHE A 254 -6.00 6.31 19.95
C PHE A 254 -4.75 5.47 20.19
N MET A 255 -4.87 4.50 21.07
CA MET A 255 -3.85 3.48 21.27
C MET A 255 -4.02 2.46 20.16
N ARG A 256 -3.37 2.72 19.03
CA ARG A 256 -3.64 2.00 17.79
C ARG A 256 -2.89 0.68 17.66
N LYS A 257 -1.57 0.74 17.55
CA LYS A 257 -0.76 -0.48 17.44
C LYS A 257 0.42 -0.46 18.41
N GLY A 258 1.06 0.69 18.53
CA GLY A 258 2.12 0.87 19.51
C GLY A 258 3.40 0.13 19.21
N ILE A 259 3.73 0.02 17.91
CA ILE A 259 4.97 -0.62 17.50
C ILE A 259 5.85 0.31 16.68
N THR A 260 7.07 -0.14 16.43
CA THR A 260 7.94 0.50 15.45
C THR A 260 7.91 -0.35 14.19
N GLY A 261 7.63 0.29 13.06
CA GLY A 261 7.66 -0.40 11.79
C GLY A 261 6.32 -0.60 11.09
N ASP A 262 5.26 0.04 11.60
CA ASP A 262 3.95 -0.09 10.96
C ASP A 262 3.93 0.56 9.58
N TRP A 263 4.98 1.32 9.27
CA TRP A 263 5.08 1.96 7.97
C TRP A 263 5.18 0.92 6.87
N LYS A 264 5.80 -0.21 7.20
CA LYS A 264 5.93 -1.32 6.24
C LYS A 264 4.58 -1.83 5.78
N ASN A 265 3.55 -1.65 6.62
CA ASN A 265 2.21 -2.10 6.30
C ASN A 265 1.38 -1.07 5.52
N HIS A 266 1.98 0.07 5.17
CA HIS A 266 1.22 1.16 4.53
C HIS A 266 1.92 1.80 3.35
N PHE A 267 3.23 1.99 3.45
CA PHE A 267 4.00 2.53 2.34
C PHE A 267 4.13 1.48 1.24
N THR A 268 3.82 1.86 0.01
CA THR A 268 4.12 1.00 -1.14
C THR A 268 5.59 1.14 -1.46
N GLU A 269 6.07 0.28 -2.36
CA GLU A 269 7.47 0.30 -2.74
C GLU A 269 7.82 1.63 -3.39
N ALA A 270 6.92 2.14 -4.22
CA ALA A 270 7.14 3.40 -4.90
C ALA A 270 7.10 4.59 -3.94
N LEU A 271 6.16 4.57 -3.00
CA LEU A 271 6.03 5.67 -2.05
C LEU A 271 7.26 5.70 -1.13
N ASN A 272 7.75 4.51 -0.80
CA ASN A 272 8.94 4.37 0.02
C ASN A 272 10.19 4.94 -0.65
N GLU A 273 10.35 4.66 -1.95
CA GLU A 273 11.47 5.20 -2.72
C GLU A 273 11.44 6.71 -2.78
N LYS A 274 10.25 7.26 -3.03
CA LYS A 274 10.06 8.69 -3.14
C LYS A 274 10.31 9.35 -1.77
N PHE A 275 9.74 8.75 -0.72
CA PHE A 275 9.89 9.29 0.63
C PHE A 275 11.34 9.28 1.07
N ASP A 276 12.04 8.18 0.80
CA ASP A 276 13.42 8.02 1.25
C ASP A 276 14.34 9.01 0.58
N LYS A 277 14.09 9.28 -0.69
CA LYS A 277 14.91 10.21 -1.47
C LYS A 277 14.74 11.62 -0.91
N HIS A 278 13.49 12.04 -0.75
CA HIS A 278 13.15 13.31 -0.15
C HIS A 278 13.72 13.43 1.26
N TYR A 279 13.63 12.36 2.03
CA TYR A 279 14.17 12.31 3.39
C TYR A 279 15.67 12.59 3.43
N GLU A 280 16.42 11.92 2.56
CA GLU A 280 17.87 12.08 2.53
C GLU A 280 18.24 13.53 2.29
N GLN A 281 17.50 14.19 1.41
CA GLN A 281 17.75 15.59 1.11
C GLN A 281 17.41 16.51 2.28
N GLN A 282 16.40 16.15 3.06
CA GLN A 282 15.99 16.99 4.19
C GLN A 282 16.92 16.81 5.39
N MET A 283 17.54 15.64 5.51
CA MET A 283 18.22 15.28 6.74
C MET A 283 19.73 15.11 6.59
N LYS A 284 20.24 15.25 5.37
CA LYS A 284 21.64 14.94 5.09
C LYS A 284 22.64 15.69 5.99
N GLU A 285 22.38 16.98 6.21
CA GLU A 285 23.31 17.82 6.96
C GLU A 285 23.10 17.80 8.48
N SER A 286 22.44 16.76 8.98
CA SER A 286 22.17 16.66 10.42
C SER A 286 22.77 15.39 11.01
N THR A 287 23.24 15.48 12.25
CA THR A 287 23.81 14.33 12.93
C THR A 287 22.73 13.46 13.58
N LEU A 288 21.50 13.97 13.59
CA LEU A 288 20.36 13.22 14.10
C LEU A 288 20.09 12.00 13.21
N LYS A 289 20.15 10.81 13.80
CA LYS A 289 19.91 9.58 13.05
C LYS A 289 18.83 8.73 13.71
N PHE A 290 17.85 8.32 12.91
CA PHE A 290 16.72 7.52 13.40
C PHE A 290 16.85 6.06 13.02
N ARG A 291 15.96 5.25 13.58
CA ARG A 291 15.82 3.86 13.18
C ARG A 291 14.39 3.59 12.72
N THR A 292 14.24 2.96 11.57
CA THR A 292 12.92 2.61 11.06
C THR A 292 12.54 1.20 11.48
N GLU A 293 13.46 0.52 12.16
CA GLU A 293 13.21 -0.81 12.72
C GLU A 293 14.21 -1.11 13.83
N SER B 3 -17.59 -14.55 3.91
CA SER B 3 -16.66 -13.95 2.98
C SER B 3 -16.03 -15.00 2.06
N GLU B 4 -15.44 -16.02 2.67
CA GLU B 4 -14.83 -17.12 1.91
C GLU B 4 -15.88 -17.88 1.12
N LEU B 5 -17.04 -18.11 1.75
CA LEU B 5 -18.13 -18.83 1.12
C LEU B 5 -18.59 -18.14 -0.17
N ASP B 6 -18.77 -16.82 -0.08
CA ASP B 6 -19.19 -16.03 -1.23
C ASP B 6 -18.12 -16.02 -2.33
N TYR B 7 -16.86 -16.09 -1.93
CA TYR B 7 -15.77 -16.05 -2.89
C TYR B 7 -15.81 -17.27 -3.80
N TYR B 8 -15.86 -18.45 -3.20
CA TYR B 8 -15.76 -19.71 -3.95
C TYR B 8 -17.07 -20.15 -4.61
N GLU B 9 -18.15 -19.43 -4.34
CA GLU B 9 -19.43 -19.75 -4.95
C GLU B 9 -19.42 -19.46 -6.44
N LYS B 10 -18.50 -18.60 -6.87
CA LYS B 10 -18.36 -18.24 -8.26
C LYS B 10 -17.49 -19.25 -9.02
N PHE B 11 -16.86 -20.16 -8.28
CA PHE B 11 -15.89 -21.07 -8.88
C PHE B 11 -16.19 -22.53 -8.60
N GLU B 12 -15.73 -23.38 -9.49
CA GLU B 12 -15.78 -24.82 -9.29
C GLU B 12 -14.44 -25.37 -9.74
N GLU B 13 -13.97 -26.41 -9.08
CA GLU B 13 -12.71 -27.03 -9.50
C GLU B 13 -12.92 -27.98 -10.67
N VAL B 14 -11.95 -28.00 -11.59
CA VAL B 14 -11.93 -29.01 -12.63
C VAL B 14 -10.51 -29.57 -12.77
N HIS B 15 -10.37 -30.88 -12.55
CA HIS B 15 -9.06 -31.54 -12.55
C HIS B 15 -8.04 -30.86 -11.66
N GLY B 16 -8.48 -30.34 -10.51
CA GLY B 16 -7.57 -29.76 -9.54
C GLY B 16 -7.40 -28.25 -9.56
N ILE B 17 -7.80 -27.60 -10.65
CA ILE B 17 -7.68 -26.14 -10.70
C ILE B 17 -9.02 -25.42 -10.56
N LEU B 18 -9.00 -24.34 -9.81
CA LEU B 18 -10.16 -23.47 -9.68
C LEU B 18 -10.49 -22.88 -11.05
N MET B 19 -11.77 -22.77 -11.35
CA MET B 19 -12.22 -22.36 -12.68
C MET B 19 -13.57 -21.68 -12.58
N TYR B 20 -13.86 -20.78 -13.52
CA TYR B 20 -15.17 -20.16 -13.62
C TYR B 20 -16.23 -21.26 -13.75
N LYS B 21 -17.27 -21.18 -12.92
CA LYS B 21 -18.32 -22.18 -12.87
C LYS B 21 -18.96 -22.40 -14.24
N ASP B 22 -19.15 -21.32 -14.99
CA ASP B 22 -19.73 -21.40 -16.33
C ASP B 22 -18.94 -22.30 -17.27
N PHE B 23 -17.61 -22.19 -17.23
CA PHE B 23 -16.77 -22.98 -18.13
C PHE B 23 -16.85 -24.46 -17.77
N VAL B 24 -16.86 -24.74 -16.47
CA VAL B 24 -16.86 -26.12 -15.97
C VAL B 24 -18.10 -26.88 -16.45
N LYS B 25 -19.21 -26.15 -16.61
CA LYS B 25 -20.46 -26.72 -17.07
C LYS B 25 -20.30 -27.54 -18.36
N TYR B 26 -19.39 -27.09 -19.22
CA TYR B 26 -19.30 -27.64 -20.56
C TYR B 26 -17.94 -28.24 -20.86
N TRP B 27 -17.21 -28.61 -19.81
CA TRP B 27 -15.80 -28.99 -19.94
C TRP B 27 -15.55 -30.19 -20.84
N ASP B 28 -16.54 -31.07 -20.97
CA ASP B 28 -16.41 -32.24 -21.84
C ASP B 28 -16.09 -31.83 -23.28
N ASN B 29 -16.70 -30.73 -23.73
CA ASN B 29 -16.48 -30.24 -25.10
C ASN B 29 -15.05 -29.75 -25.28
N VAL B 30 -14.48 -29.22 -24.20
CA VAL B 30 -13.10 -28.77 -24.21
C VAL B 30 -12.18 -29.97 -24.35
N GLU B 31 -12.38 -30.96 -23.50
CA GLU B 31 -11.49 -32.12 -23.46
C GLU B 31 -11.51 -32.93 -24.75
N ALA B 32 -12.64 -32.91 -25.44
CA ALA B 32 -12.81 -33.65 -26.68
C ALA B 32 -12.54 -32.79 -27.91
N PHE B 33 -12.04 -31.56 -27.70
CA PHE B 33 -11.79 -30.65 -28.81
C PHE B 33 -10.87 -31.26 -29.84
N GLN B 34 -11.22 -31.09 -31.11
CA GLN B 34 -10.43 -31.64 -32.21
C GLN B 34 -9.56 -30.55 -32.82
N ALA B 35 -8.25 -30.69 -32.64
CA ALA B 35 -7.31 -29.74 -33.19
C ALA B 35 -6.98 -30.11 -34.62
N ARG B 36 -6.44 -29.16 -35.37
CA ARG B 36 -5.94 -29.43 -36.71
C ARG B 36 -4.44 -29.14 -36.69
N PRO B 37 -3.67 -29.83 -37.53
CA PRO B 37 -2.20 -29.75 -37.50
C PRO B 37 -1.65 -28.33 -37.63
N ASP B 38 -2.37 -27.46 -38.31
CA ASP B 38 -1.90 -26.09 -38.51
C ASP B 38 -2.57 -25.08 -37.58
N ASP B 39 -3.20 -25.58 -36.51
CA ASP B 39 -3.71 -24.69 -35.47
C ASP B 39 -2.52 -24.05 -34.77
N LEU B 40 -2.70 -22.79 -34.37
CA LEU B 40 -1.72 -22.11 -33.54
C LEU B 40 -2.32 -21.80 -32.19
N VAL B 41 -1.65 -22.24 -31.12
CA VAL B 41 -2.17 -22.00 -29.78
C VAL B 41 -1.40 -20.86 -29.11
N ILE B 42 -2.14 -19.86 -28.66
CA ILE B 42 -1.59 -18.83 -27.78
C ILE B 42 -2.02 -19.15 -26.35
N ALA B 43 -1.05 -19.49 -25.51
CA ALA B 43 -1.35 -19.87 -24.13
C ALA B 43 -0.74 -18.88 -23.14
N THR B 44 -1.52 -18.48 -22.13
CA THR B 44 -1.05 -17.56 -21.09
C THR B 44 -1.75 -17.83 -19.76
N TYR B 45 -1.10 -17.53 -18.65
CA TYR B 45 -1.84 -17.35 -17.40
C TYR B 45 -2.60 -16.03 -17.55
N PRO B 46 -3.81 -15.94 -17.00
CA PRO B 46 -4.60 -14.70 -17.09
C PRO B 46 -3.80 -13.42 -16.84
N LYS B 47 -4.08 -12.39 -17.63
CA LYS B 47 -3.58 -11.03 -17.44
C LYS B 47 -2.08 -10.88 -17.69
N SER B 48 -1.54 -11.76 -18.52
CA SER B 48 -0.11 -11.78 -18.81
C SER B 48 0.24 -11.15 -20.16
N GLY B 49 -0.75 -10.57 -20.83
CA GLY B 49 -0.54 -9.91 -22.12
C GLY B 49 -1.06 -10.68 -23.32
N THR B 50 -2.08 -11.50 -23.08
CA THR B 50 -2.67 -12.36 -24.11
C THR B 50 -3.16 -11.57 -25.31
N THR B 51 -3.89 -10.50 -25.04
CA THR B 51 -4.49 -9.68 -26.08
C THR B 51 -3.42 -9.05 -26.95
N TRP B 52 -2.36 -8.58 -26.31
CA TRP B 52 -1.23 -7.97 -27.00
C TRP B 52 -0.61 -8.94 -28.01
N VAL B 53 -0.15 -10.09 -27.50
CA VAL B 53 0.51 -11.06 -28.36
C VAL B 53 -0.45 -11.65 -29.39
N SER B 54 -1.73 -11.76 -29.03
CA SER B 54 -2.77 -12.19 -29.96
C SER B 54 -2.85 -11.28 -31.18
N GLU B 55 -2.86 -9.98 -30.96
CA GLU B 55 -2.97 -9.02 -32.05
C GLU B 55 -1.71 -9.01 -32.91
N ILE B 56 -0.55 -9.18 -32.29
CA ILE B 56 0.70 -9.30 -33.03
C ILE B 56 0.62 -10.47 -33.99
N VAL B 57 0.24 -11.64 -33.46
CA VAL B 57 0.20 -12.86 -34.25
C VAL B 57 -0.79 -12.75 -35.41
N TYR B 58 -1.95 -12.17 -35.13
CA TYR B 58 -2.97 -12.00 -36.16
C TYR B 58 -2.45 -11.14 -37.31
N MET B 59 -1.71 -10.09 -36.98
CA MET B 59 -1.15 -9.22 -38.01
C MET B 59 -0.13 -9.95 -38.86
N ILE B 60 0.63 -10.84 -38.22
CA ILE B 60 1.59 -11.65 -38.95
C ILE B 60 0.86 -12.57 -39.93
N TYR B 61 -0.29 -13.08 -39.51
CA TYR B 61 -1.12 -13.92 -40.37
C TYR B 61 -1.72 -13.12 -41.53
N LYS B 62 -2.11 -11.88 -41.25
CA LYS B 62 -2.74 -11.04 -42.25
C LYS B 62 -1.74 -10.17 -43.00
N GLU B 63 -0.45 -10.52 -42.90
CA GLU B 63 0.63 -9.77 -43.52
C GLU B 63 0.59 -8.27 -43.24
N GLY B 64 0.13 -7.90 -42.05
CA GLY B 64 0.16 -6.52 -41.60
C GLY B 64 -1.04 -5.67 -42.03
N ASP B 65 -2.00 -6.29 -42.71
CA ASP B 65 -3.18 -5.56 -43.16
C ASP B 65 -4.07 -5.20 -41.98
N VAL B 66 -4.15 -3.91 -41.67
CA VAL B 66 -4.92 -3.44 -40.51
C VAL B 66 -6.42 -3.58 -40.74
N GLU B 67 -6.85 -3.35 -41.98
CA GLU B 67 -8.27 -3.50 -42.34
C GLU B 67 -8.78 -4.91 -42.05
N LYS B 68 -7.95 -5.91 -42.34
CA LYS B 68 -8.29 -7.30 -42.05
C LYS B 68 -8.36 -7.59 -40.56
N CYS B 69 -7.69 -6.77 -39.77
CA CYS B 69 -7.65 -6.95 -38.31
C CYS B 69 -8.86 -6.34 -37.61
N LYS B 70 -9.43 -5.29 -38.20
CA LYS B 70 -10.58 -4.62 -37.60
C LYS B 70 -11.90 -5.22 -38.09
N GLU B 71 -11.81 -6.19 -38.98
CA GLU B 71 -13.00 -6.80 -39.61
C GLU B 71 -13.91 -7.52 -38.62
N ASP B 72 -13.41 -7.73 -37.40
CA ASP B 72 -14.18 -8.33 -36.32
C ASP B 72 -13.43 -8.07 -35.01
N VAL B 73 -14.15 -8.13 -33.88
CA VAL B 73 -13.51 -7.93 -32.59
C VAL B 73 -12.56 -9.08 -32.29
N ILE B 74 -11.56 -8.82 -31.45
CA ILE B 74 -10.49 -9.79 -31.21
C ILE B 74 -10.98 -11.11 -30.63
N PHE B 75 -12.03 -11.07 -29.80
CA PHE B 75 -12.53 -12.30 -29.20
C PHE B 75 -13.33 -13.18 -30.17
N ASN B 76 -13.53 -12.69 -31.39
CA ASN B 76 -14.15 -13.51 -32.44
C ASN B 76 -13.11 -13.98 -33.46
N ARG B 77 -12.14 -13.13 -33.76
CA ARG B 77 -11.05 -13.50 -34.65
C ARG B 77 -10.20 -14.61 -34.02
N ILE B 78 -10.03 -14.53 -32.71
CA ILE B 78 -9.20 -15.50 -31.99
C ILE B 78 -9.99 -16.05 -30.80
N PRO B 79 -10.72 -17.14 -31.02
CA PRO B 79 -11.60 -17.69 -29.99
C PRO B 79 -10.89 -18.19 -28.74
N PHE B 80 -11.52 -17.90 -27.61
CA PHE B 80 -11.07 -18.32 -26.28
C PHE B 80 -11.54 -19.75 -26.07
N LEU B 81 -10.67 -20.71 -26.37
CA LEU B 81 -10.97 -22.15 -26.36
C LEU B 81 -11.94 -22.66 -25.29
N GLU B 82 -11.56 -22.50 -24.02
CA GLU B 82 -12.34 -23.12 -22.95
C GLU B 82 -13.51 -22.26 -22.48
N CYS B 83 -13.65 -21.08 -23.08
CA CYS B 83 -14.70 -20.15 -22.70
C CYS B 83 -16.06 -20.53 -23.25
N ARG B 84 -17.08 -20.47 -22.40
CA ARG B 84 -18.47 -20.66 -22.84
C ARG B 84 -19.45 -20.15 -21.79
N LYS B 85 -20.34 -19.26 -22.22
CA LYS B 85 -21.46 -18.84 -21.38
C LYS B 85 -22.73 -18.90 -22.22
N GLU B 86 -23.78 -19.45 -21.63
CA GLU B 86 -25.06 -19.64 -22.33
C GLU B 86 -25.58 -18.33 -22.95
N ASN B 87 -25.93 -18.41 -24.23
CA ASN B 87 -26.45 -17.28 -25.00
C ASN B 87 -25.44 -16.17 -25.30
N LEU B 88 -24.23 -16.30 -24.78
CA LEU B 88 -23.24 -15.24 -24.90
C LEU B 88 -22.06 -15.62 -25.80
N MET B 89 -21.34 -16.67 -25.44
CA MET B 89 -20.16 -17.08 -26.19
C MET B 89 -19.88 -18.57 -26.06
N ASN B 90 -19.17 -19.12 -27.05
CA ASN B 90 -18.82 -20.53 -27.07
C ASN B 90 -17.57 -20.73 -27.91
N GLY B 91 -16.42 -20.79 -27.25
CA GLY B 91 -15.14 -20.91 -27.94
C GLY B 91 -15.01 -22.15 -28.80
N VAL B 92 -15.42 -23.29 -28.27
CA VAL B 92 -15.33 -24.56 -29.00
C VAL B 92 -16.12 -24.50 -30.31
N LYS B 93 -17.33 -23.96 -30.24
CA LYS B 93 -18.20 -23.83 -31.40
C LYS B 93 -17.61 -22.88 -32.45
N GLN B 94 -17.13 -21.72 -32.01
CA GLN B 94 -16.46 -20.77 -32.90
C GLN B 94 -15.31 -21.42 -33.63
N LEU B 95 -14.50 -22.17 -32.90
CA LEU B 95 -13.34 -22.83 -33.47
C LEU B 95 -13.74 -23.95 -34.44
N ASP B 96 -14.79 -24.69 -34.08
CA ASP B 96 -15.29 -25.77 -34.92
C ASP B 96 -15.72 -25.28 -36.30
N GLU B 97 -16.37 -24.12 -36.33
CA GLU B 97 -16.92 -23.59 -37.56
C GLU B 97 -15.94 -22.70 -38.32
N MET B 98 -14.71 -22.65 -37.83
CA MET B 98 -13.70 -21.74 -38.37
C MET B 98 -12.83 -22.42 -39.43
N ASN B 99 -12.52 -21.68 -40.50
CA ASN B 99 -11.59 -22.15 -41.51
C ASN B 99 -10.15 -22.08 -41.00
N SER B 100 -9.36 -23.07 -41.37
CA SER B 100 -7.92 -23.07 -41.07
C SER B 100 -7.25 -21.97 -41.89
N PRO B 101 -6.10 -21.47 -41.42
CA PRO B 101 -5.43 -21.80 -40.16
C PRO B 101 -6.07 -21.09 -38.96
N ARG B 102 -6.31 -21.83 -37.88
CA ARG B 102 -7.00 -21.28 -36.72
C ARG B 102 -6.00 -20.82 -35.66
N ILE B 103 -6.24 -19.65 -35.08
CA ILE B 103 -5.50 -19.20 -33.91
C ILE B 103 -6.37 -19.36 -32.66
N VAL B 104 -5.85 -20.09 -31.68
CA VAL B 104 -6.63 -20.46 -30.50
C VAL B 104 -6.07 -19.82 -29.23
N LYS B 105 -6.91 -19.06 -28.52
CA LYS B 105 -6.53 -18.50 -27.23
C LYS B 105 -6.93 -19.44 -26.10
N THR B 106 -6.04 -19.62 -25.13
CA THR B 106 -6.34 -20.45 -23.96
C THR B 106 -5.52 -20.02 -22.74
N HIS B 107 -6.04 -20.29 -21.55
CA HIS B 107 -5.29 -20.03 -20.33
C HIS B 107 -4.95 -21.33 -19.60
N LEU B 108 -5.15 -22.46 -20.27
CA LEU B 108 -4.94 -23.75 -19.65
C LEU B 108 -3.48 -24.08 -19.41
N PRO B 109 -3.20 -24.75 -18.29
CA PRO B 109 -1.89 -25.38 -18.05
C PRO B 109 -1.70 -26.50 -19.05
N PRO B 110 -0.45 -26.87 -19.36
CA PRO B 110 -0.23 -27.81 -20.46
C PRO B 110 -0.86 -29.17 -20.18
N GLU B 111 -0.93 -29.55 -18.91
CA GLU B 111 -1.51 -30.83 -18.52
C GLU B 111 -3.00 -30.90 -18.83
N LEU B 112 -3.63 -29.74 -18.99
CA LEU B 112 -5.08 -29.69 -19.23
C LEU B 112 -5.44 -29.30 -20.66
N LEU B 113 -4.44 -28.94 -21.46
CA LEU B 113 -4.68 -28.62 -22.85
C LEU B 113 -5.24 -29.87 -23.51
N PRO B 114 -6.29 -29.72 -24.34
CA PRO B 114 -6.91 -30.88 -24.99
C PRO B 114 -5.87 -31.76 -25.67
N ALA B 115 -5.95 -33.07 -25.44
CA ALA B 115 -4.96 -34.03 -25.95
C ALA B 115 -4.67 -33.88 -27.44
N SER B 116 -5.68 -33.47 -28.21
CA SER B 116 -5.54 -33.33 -29.66
C SER B 116 -4.48 -32.32 -30.12
N PHE B 117 -4.22 -31.28 -29.32
CA PHE B 117 -3.18 -30.32 -29.68
C PHE B 117 -1.78 -30.94 -29.60
N TRP B 118 -1.57 -31.79 -28.61
CA TRP B 118 -0.28 -32.46 -28.45
C TRP B 118 -0.11 -33.57 -29.47
N GLU B 119 -1.20 -34.26 -29.78
CA GLU B 119 -1.18 -35.36 -30.74
C GLU B 119 -0.84 -34.88 -32.14
N LYS B 120 -1.38 -33.74 -32.54
CA LYS B 120 -1.07 -33.17 -33.84
C LYS B 120 0.15 -32.25 -33.80
N ASP B 121 0.80 -32.20 -32.64
CA ASP B 121 2.04 -31.46 -32.44
C ASP B 121 1.93 -30.00 -32.90
N CYS B 122 0.84 -29.36 -32.52
CA CYS B 122 0.59 -27.98 -32.92
C CYS B 122 1.64 -27.02 -32.38
N LYS B 123 1.89 -25.95 -33.12
CA LYS B 123 2.72 -24.85 -32.62
C LYS B 123 2.00 -24.18 -31.47
N ILE B 124 2.77 -23.82 -30.44
CA ILE B 124 2.24 -23.10 -29.30
C ILE B 124 3.15 -21.89 -28.98
N ILE B 125 2.53 -20.74 -28.72
CA ILE B 125 3.22 -19.59 -28.17
C ILE B 125 2.78 -19.40 -26.73
N TYR B 126 3.73 -19.43 -25.79
CA TYR B 126 3.41 -19.16 -24.40
C TYR B 126 3.96 -17.81 -23.96
N LEU B 127 3.10 -17.01 -23.33
CA LEU B 127 3.54 -15.73 -22.81
C LEU B 127 3.34 -15.69 -21.30
N CYS B 128 4.40 -15.33 -20.59
CA CYS B 128 4.27 -15.14 -19.16
C CYS B 128 4.76 -13.76 -18.76
N ARG B 129 4.45 -13.39 -17.53
CA ARG B 129 4.67 -12.05 -17.04
C ARG B 129 4.99 -12.20 -15.57
N ASN B 130 5.76 -11.27 -15.00
CA ASN B 130 6.14 -11.40 -13.59
C ASN B 130 4.92 -11.49 -12.67
N ALA B 131 4.99 -12.34 -11.65
CA ALA B 131 3.81 -12.67 -10.84
C ALA B 131 3.16 -11.46 -10.20
N LYS B 132 3.97 -10.52 -9.71
CA LYS B 132 3.45 -9.34 -9.01
C LYS B 132 2.58 -8.48 -9.92
N ASP B 133 3.05 -8.24 -11.14
CA ASP B 133 2.27 -7.45 -12.09
C ASP B 133 1.00 -8.18 -12.53
N VAL B 134 1.09 -9.50 -12.70
CA VAL B 134 -0.09 -10.31 -12.99
C VAL B 134 -1.12 -10.19 -11.87
N ALA B 135 -0.63 -10.24 -10.63
CA ALA B 135 -1.49 -10.15 -9.45
C ALA B 135 -2.27 -8.82 -9.44
N VAL B 136 -1.57 -7.72 -9.69
CA VAL B 136 -2.21 -6.41 -9.79
C VAL B 136 -3.25 -6.39 -10.88
N SER B 137 -2.86 -6.83 -12.08
CA SER B 137 -3.74 -6.82 -13.23
C SER B 137 -4.98 -7.70 -12.99
N PHE B 138 -4.76 -8.87 -12.40
CA PHE B 138 -5.85 -9.81 -12.11
C PHE B 138 -6.83 -9.19 -11.12
N TYR B 139 -6.28 -8.45 -10.16
CA TYR B 139 -7.08 -7.80 -9.12
C TYR B 139 -8.12 -6.87 -9.71
N TYR B 140 -7.70 -6.00 -10.62
CA TYR B 140 -8.63 -5.07 -11.27
C TYR B 140 -9.57 -5.78 -12.22
N PHE B 141 -9.14 -6.91 -12.76
CA PHE B 141 -9.99 -7.74 -13.60
C PHE B 141 -11.16 -8.29 -12.79
N PHE B 142 -10.87 -8.66 -11.55
CA PHE B 142 -11.91 -9.15 -10.63
C PHE B 142 -12.98 -8.08 -10.40
N LEU B 143 -12.55 -6.84 -10.23
CA LEU B 143 -13.46 -5.74 -9.97
C LEU B 143 -14.32 -5.37 -11.18
N MET B 144 -13.77 -5.57 -12.37
CA MET B 144 -14.40 -5.09 -13.61
C MET B 144 -15.32 -6.11 -14.27
N VAL B 145 -14.96 -7.38 -14.18
CA VAL B 145 -15.59 -8.42 -14.97
C VAL B 145 -16.62 -9.25 -14.20
N ALA B 146 -17.82 -9.35 -14.75
CA ALA B 146 -18.91 -10.07 -14.09
C ALA B 146 -18.62 -11.55 -13.97
N GLY B 147 -19.08 -12.15 -12.88
CA GLY B 147 -18.82 -13.55 -12.62
C GLY B 147 -17.59 -13.74 -11.74
N HIS B 148 -17.06 -12.62 -11.25
CA HIS B 148 -16.01 -12.66 -10.24
C HIS B 148 -16.62 -12.31 -8.89
N PRO B 149 -16.08 -12.86 -7.81
CA PRO B 149 -16.50 -12.42 -6.49
C PRO B 149 -15.78 -11.13 -6.17
N ASN B 150 -16.10 -10.50 -5.04
CA ASN B 150 -15.29 -9.40 -4.56
C ASN B 150 -13.93 -9.96 -4.18
N PRO B 151 -12.86 -9.38 -4.71
CA PRO B 151 -11.51 -9.91 -4.46
C PRO B 151 -11.00 -9.61 -3.06
N GLY B 152 -11.73 -8.78 -2.32
CA GLY B 152 -11.28 -8.32 -1.02
C GLY B 152 -10.29 -7.19 -1.20
N SER B 153 -9.56 -6.86 -0.13
CA SER B 153 -8.49 -5.86 -0.23
C SER B 153 -7.36 -6.45 -1.07
N PHE B 154 -6.43 -5.61 -1.50
CA PHE B 154 -5.30 -6.11 -2.28
C PHE B 154 -4.47 -7.17 -1.55
N PRO B 155 -4.16 -6.97 -0.26
CA PRO B 155 -3.41 -8.03 0.41
C PRO B 155 -4.18 -9.35 0.54
N GLU B 156 -5.49 -9.27 0.70
CA GLU B 156 -6.32 -10.46 0.77
C GLU B 156 -6.31 -11.19 -0.57
N PHE B 157 -6.42 -10.41 -1.65
CA PHE B 157 -6.35 -11.00 -2.99
C PHE B 157 -5.00 -11.63 -3.27
N VAL B 158 -3.93 -10.94 -2.88
CA VAL B 158 -2.57 -11.47 -3.08
C VAL B 158 -2.39 -12.78 -2.34
N GLU B 159 -3.02 -12.89 -1.17
CA GLU B 159 -3.00 -14.14 -0.41
C GLU B 159 -3.63 -15.28 -1.21
N LYS B 160 -4.81 -15.03 -1.79
CA LYS B 160 -5.46 -16.01 -2.66
C LYS B 160 -4.58 -16.39 -3.85
N PHE B 161 -3.93 -15.38 -4.43
CA PHE B 161 -3.05 -15.57 -5.57
C PHE B 161 -1.89 -16.49 -5.21
N MET B 162 -1.28 -16.25 -4.06
CA MET B 162 -0.15 -17.04 -3.61
C MET B 162 -0.56 -18.50 -3.40
N GLN B 163 -1.82 -18.71 -3.06
CA GLN B 163 -2.33 -20.06 -2.79
C GLN B 163 -2.86 -20.72 -4.05
N GLY B 164 -2.90 -19.97 -5.16
CA GLY B 164 -3.47 -20.48 -6.38
C GLY B 164 -4.99 -20.56 -6.30
N GLN B 165 -5.56 -19.81 -5.37
CA GLN B 165 -7.02 -19.78 -5.21
C GLN B 165 -7.69 -18.70 -6.06
N VAL B 166 -7.38 -18.71 -7.35
CA VAL B 166 -7.96 -17.79 -8.30
C VAL B 166 -8.24 -18.64 -9.55
N PRO B 167 -9.03 -18.11 -10.50
CA PRO B 167 -9.28 -18.92 -11.71
C PRO B 167 -7.99 -19.32 -12.42
N TYR B 168 -7.90 -20.60 -12.82
CA TYR B 168 -6.73 -21.21 -13.48
C TYR B 168 -5.63 -21.66 -12.53
N GLY B 169 -5.88 -21.50 -11.23
CA GLY B 169 -4.99 -22.05 -10.23
C GLY B 169 -3.67 -21.33 -10.04
N SER B 170 -2.65 -22.10 -9.69
CA SER B 170 -1.36 -21.55 -9.31
C SER B 170 -0.55 -21.01 -10.49
N TRP B 171 -0.24 -19.72 -10.44
CA TRP B 171 0.62 -19.07 -11.42
C TRP B 171 1.95 -19.80 -11.49
N TYR B 172 2.48 -20.11 -10.31
CA TYR B 172 3.77 -20.77 -10.16
C TYR B 172 3.80 -22.10 -10.92
N LYS B 173 2.78 -22.92 -10.71
CA LYS B 173 2.68 -24.21 -11.39
C LYS B 173 2.48 -24.01 -12.88
N HIS B 174 1.73 -22.97 -13.24
CA HIS B 174 1.41 -22.68 -14.62
C HIS B 174 2.67 -22.36 -15.42
N VAL B 175 3.45 -21.41 -14.93
CA VAL B 175 4.62 -20.95 -15.67
C VAL B 175 5.74 -21.99 -15.67
N LYS B 176 5.85 -22.74 -14.58
CA LYS B 176 6.87 -23.78 -14.51
C LYS B 176 6.59 -24.94 -15.46
N SER B 177 5.33 -25.35 -15.54
CA SER B 177 4.97 -26.44 -16.46
C SER B 177 5.20 -26.04 -17.91
N TRP B 178 4.77 -24.84 -18.27
CA TRP B 178 4.96 -24.34 -19.63
C TRP B 178 6.44 -24.06 -19.96
N TRP B 179 7.21 -23.70 -18.94
CA TRP B 179 8.66 -23.53 -19.11
C TRP B 179 9.29 -24.84 -19.59
N GLU B 180 8.84 -25.95 -19.02
CA GLU B 180 9.34 -27.26 -19.43
C GLU B 180 8.94 -27.58 -20.87
N LYS B 181 7.70 -27.29 -21.22
CA LYS B 181 7.26 -27.46 -22.60
C LYS B 181 8.03 -26.53 -23.55
N GLY B 182 8.36 -25.34 -23.05
CA GLY B 182 9.03 -24.33 -23.86
C GLY B 182 10.44 -24.70 -24.30
N LYS B 183 10.97 -25.78 -23.73
CA LYS B 183 12.29 -26.25 -24.12
C LYS B 183 12.24 -26.87 -25.50
N SER B 184 11.05 -27.28 -25.93
CA SER B 184 10.84 -27.75 -27.29
C SER B 184 10.78 -26.57 -28.24
N PRO B 185 11.36 -26.71 -29.44
CA PRO B 185 11.33 -25.65 -30.45
C PRO B 185 9.91 -25.38 -30.95
N ARG B 186 9.02 -26.32 -30.67
CA ARG B 186 7.63 -26.24 -31.13
C ARG B 186 6.80 -25.32 -30.25
N VAL B 187 7.32 -25.03 -29.06
CA VAL B 187 6.63 -24.15 -28.11
C VAL B 187 7.48 -22.91 -27.86
N LEU B 188 7.01 -21.76 -28.33
CA LEU B 188 7.75 -20.51 -28.15
C LEU B 188 7.40 -19.85 -26.82
N PHE B 189 8.38 -19.79 -25.93
CA PHE B 189 8.20 -19.21 -24.59
C PHE B 189 8.63 -17.74 -24.56
N LEU B 190 7.68 -16.83 -24.36
CA LEU B 190 7.96 -15.40 -24.37
C LEU B 190 7.70 -14.72 -23.02
N PHE B 191 8.30 -13.55 -22.83
CA PHE B 191 8.10 -12.74 -21.64
C PHE B 191 7.46 -11.39 -21.96
N TYR B 192 6.45 -11.01 -21.19
CA TYR B 192 5.80 -9.72 -21.33
C TYR B 192 6.84 -8.60 -21.17
N GLU B 193 7.74 -8.77 -20.22
CA GLU B 193 8.82 -7.82 -19.96
C GLU B 193 9.74 -7.65 -21.17
N ASP B 194 9.88 -8.69 -21.98
CA ASP B 194 10.70 -8.62 -23.19
C ASP B 194 9.99 -7.82 -24.28
N LEU B 195 8.69 -8.00 -24.39
N LEU B 195 8.68 -8.01 -24.39
CA LEU B 195 7.89 -7.23 -25.35
CA LEU B 195 7.86 -7.24 -25.32
C LEU B 195 7.90 -5.75 -24.98
C LEU B 195 7.95 -5.76 -24.98
N LYS B 196 7.96 -5.46 -23.69
CA LYS B 196 8.06 -4.08 -23.21
C LYS B 196 9.44 -3.50 -23.49
N GLU B 197 10.48 -4.27 -23.21
CA GLU B 197 11.85 -3.81 -23.35
C GLU B 197 12.26 -3.55 -24.80
N ASP B 198 11.99 -4.51 -25.68
CA ASP B 198 12.38 -4.40 -27.08
C ASP B 198 11.34 -5.08 -27.95
N ILE B 199 10.24 -4.38 -28.23
CA ILE B 199 9.15 -4.99 -28.99
C ILE B 199 9.62 -5.47 -30.37
N ARG B 200 10.50 -4.72 -31.02
CA ARG B 200 10.99 -5.07 -32.34
C ARG B 200 11.67 -6.43 -32.33
N LYS B 201 12.48 -6.67 -31.31
CA LYS B 201 13.19 -7.93 -31.20
C LYS B 201 12.24 -9.13 -31.07
N GLU B 202 11.14 -8.95 -30.32
CA GLU B 202 10.22 -10.06 -30.08
C GLU B 202 9.32 -10.30 -31.28
N VAL B 203 8.94 -9.21 -31.96
CA VAL B 203 8.14 -9.30 -33.19
C VAL B 203 8.87 -10.12 -34.25
N ILE B 204 10.15 -9.83 -34.43
CA ILE B 204 10.96 -10.54 -35.41
C ILE B 204 11.06 -12.02 -35.03
N LYS B 205 11.24 -12.28 -33.74
N LYS B 205 11.25 -12.29 -33.74
CA LYS B 205 11.28 -13.66 -33.23
CA LYS B 205 11.28 -13.67 -33.24
C LYS B 205 9.97 -14.38 -33.50
C LYS B 205 9.97 -14.37 -33.54
N LEU B 206 8.85 -13.67 -33.35
CA LEU B 206 7.53 -14.24 -33.62
C LEU B 206 7.35 -14.52 -35.11
N ILE B 207 7.88 -13.63 -35.95
CA ILE B 207 7.76 -13.79 -37.40
C ILE B 207 8.51 -15.02 -37.90
N HIS B 208 9.72 -15.21 -37.39
CA HIS B 208 10.50 -16.42 -37.70
C HIS B 208 9.83 -17.69 -37.19
N PHE B 209 9.30 -17.63 -35.97
CA PHE B 209 8.64 -18.80 -35.39
C PHE B 209 7.43 -19.22 -36.20
N LEU B 210 6.70 -18.23 -36.72
CA LEU B 210 5.54 -18.50 -37.55
C LEU B 210 5.93 -18.67 -39.01
N GLU B 211 7.24 -18.71 -39.26
CA GLU B 211 7.79 -18.96 -40.59
C GLU B 211 7.23 -18.05 -41.66
N ARG B 212 7.32 -16.74 -41.41
CA ARG B 212 6.98 -15.71 -42.38
C ARG B 212 8.21 -14.87 -42.69
N LYS B 213 8.11 -14.01 -43.69
CA LYS B 213 9.22 -13.13 -44.07
C LYS B 213 9.17 -11.82 -43.27
N PRO B 214 10.25 -11.53 -42.53
CA PRO B 214 10.31 -10.36 -41.64
C PRO B 214 10.70 -9.08 -42.36
N SER B 215 9.82 -8.54 -43.19
CA SER B 215 10.11 -7.30 -43.89
C SER B 215 10.03 -6.13 -42.92
N GLU B 216 10.66 -5.00 -43.29
CA GLU B 216 10.63 -3.82 -42.44
C GLU B 216 9.22 -3.27 -42.37
N GLU B 217 8.51 -3.31 -43.49
CA GLU B 217 7.13 -2.83 -43.54
C GLU B 217 6.24 -3.55 -42.54
N LEU B 218 6.36 -4.87 -42.50
CA LEU B 218 5.53 -5.67 -41.62
C LEU B 218 5.85 -5.35 -40.16
N VAL B 219 7.14 -5.33 -39.84
CA VAL B 219 7.60 -5.00 -38.48
C VAL B 219 7.11 -3.62 -38.06
N ASP B 220 7.25 -2.65 -38.97
CA ASP B 220 6.80 -1.29 -38.68
C ASP B 220 5.32 -1.21 -38.38
N ARG B 221 4.50 -1.87 -39.22
CA ARG B 221 3.05 -1.85 -39.03
C ARG B 221 2.64 -2.48 -37.71
N ILE B 222 3.27 -3.61 -37.39
CA ILE B 222 2.96 -4.33 -36.16
C ILE B 222 3.28 -3.51 -34.92
N ILE B 223 4.48 -2.95 -34.88
CA ILE B 223 4.89 -2.12 -33.74
C ILE B 223 3.92 -0.95 -33.55
N HIS B 224 3.53 -0.31 -34.64
CA HIS B 224 2.61 0.82 -34.52
C HIS B 224 1.22 0.38 -34.08
N HIS B 225 0.71 -0.68 -34.70
CA HIS B 225 -0.68 -1.11 -34.47
C HIS B 225 -0.89 -1.73 -33.10
N THR B 226 0.14 -2.42 -32.60
CA THR B 226 0.02 -3.15 -31.34
C THR B 226 0.57 -2.36 -30.15
N SER B 227 0.85 -1.08 -30.35
CA SER B 227 1.24 -0.23 -29.24
C SER B 227 0.06 -0.11 -28.28
N PHE B 228 0.33 0.13 -27.00
CA PHE B 228 -0.70 0.19 -25.97
C PHE B 228 -1.80 1.22 -26.26
N GLN B 229 -1.40 2.43 -26.63
CA GLN B 229 -2.38 3.49 -26.89
C GLN B 229 -3.24 3.23 -28.11
N GLU B 230 -2.66 2.63 -29.14
CA GLU B 230 -3.41 2.27 -30.33
C GLU B 230 -4.43 1.19 -29.99
N MET B 231 -3.99 0.15 -29.28
CA MET B 231 -4.87 -0.93 -28.90
C MET B 231 -5.93 -0.46 -27.91
N LYS B 232 -5.56 0.49 -27.06
CA LYS B 232 -6.50 1.04 -26.08
C LYS B 232 -7.63 1.81 -26.75
N ASN B 233 -7.35 2.44 -27.88
CA ASN B 233 -8.35 3.25 -28.58
C ASN B 233 -9.04 2.53 -29.74
N ASN B 234 -8.62 1.30 -29.99
CA ASN B 234 -9.20 0.47 -31.04
C ASN B 234 -10.29 -0.45 -30.48
N PRO B 235 -11.54 -0.23 -30.89
CA PRO B 235 -12.68 -0.99 -30.36
C PRO B 235 -12.61 -2.48 -30.71
N SER B 236 -11.79 -2.83 -31.70
CA SER B 236 -11.61 -4.23 -32.06
C SER B 236 -10.80 -4.97 -30.99
N THR B 237 -9.96 -4.25 -30.25
CA THR B 237 -9.03 -4.89 -29.32
C THR B 237 -9.20 -4.50 -27.86
N ASN B 238 -10.04 -3.50 -27.58
CA ASN B 238 -10.15 -3.01 -26.20
C ASN B 238 -11.39 -3.48 -25.45
N TYR B 239 -12.15 -4.37 -26.07
CA TYR B 239 -13.30 -5.02 -25.44
C TYR B 239 -14.46 -4.07 -25.11
N THR B 240 -14.45 -2.87 -25.66
CA THR B 240 -15.48 -1.88 -25.34
C THR B 240 -16.84 -2.18 -25.96
N THR B 241 -16.88 -3.14 -26.89
CA THR B 241 -18.15 -3.52 -27.52
C THR B 241 -18.97 -4.41 -26.59
N LEU B 242 -18.35 -4.89 -25.52
CA LEU B 242 -19.06 -5.63 -24.50
C LEU B 242 -19.86 -4.67 -23.63
N PRO B 243 -21.08 -5.07 -23.24
CA PRO B 243 -21.87 -4.23 -22.33
C PRO B 243 -21.24 -4.21 -20.95
N ASP B 244 -21.54 -3.18 -20.17
CA ASP B 244 -20.94 -3.01 -18.85
C ASP B 244 -21.34 -4.11 -17.88
N GLU B 245 -22.48 -4.73 -18.14
CA GLU B 245 -22.95 -5.85 -17.34
C GLU B 245 -22.03 -7.05 -17.48
N ILE B 246 -21.27 -7.08 -18.57
CA ILE B 246 -20.29 -8.13 -18.82
C ILE B 246 -18.89 -7.66 -18.40
N MET B 247 -18.51 -6.47 -18.87
CA MET B 247 -17.21 -5.91 -18.57
C MET B 247 -17.32 -4.42 -18.29
N ASN B 248 -17.36 -4.05 -17.01
CA ASN B 248 -17.57 -2.67 -16.63
C ASN B 248 -16.28 -1.86 -16.66
N GLN B 249 -15.95 -1.34 -17.84
CA GLN B 249 -14.71 -0.59 -18.02
C GLN B 249 -14.82 0.84 -17.48
N LYS B 250 -15.94 1.15 -16.82
CA LYS B 250 -16.08 2.41 -16.10
C LYS B 250 -15.39 2.29 -14.75
N LEU B 251 -15.37 1.07 -14.21
CA LEU B 251 -14.69 0.79 -12.95
C LEU B 251 -13.19 0.68 -13.18
N SER B 252 -12.83 0.05 -14.31
CA SER B 252 -11.44 -0.16 -14.67
C SER B 252 -11.41 -0.65 -16.12
N PRO B 253 -10.63 0.02 -16.98
CA PRO B 253 -10.54 -0.37 -18.39
C PRO B 253 -9.73 -1.66 -18.60
N PHE B 254 -9.97 -2.37 -19.70
CA PHE B 254 -9.23 -3.59 -19.99
C PHE B 254 -7.77 -3.26 -20.30
N MET B 255 -7.58 -2.28 -21.17
CA MET B 255 -6.26 -1.69 -21.38
C MET B 255 -6.03 -0.71 -20.24
N ARG B 256 -5.45 -1.22 -19.15
CA ARG B 256 -5.41 -0.48 -17.90
C ARG B 256 -4.21 0.45 -17.82
N LYS B 257 -3.00 -0.10 -17.71
CA LYS B 257 -1.78 0.71 -17.68
C LYS B 257 -0.78 0.29 -18.76
N GLY B 258 -0.59 -1.01 -18.90
CA GLY B 258 0.26 -1.54 -19.96
C GLY B 258 1.73 -1.34 -19.67
N ILE B 259 2.09 -1.38 -18.39
CA ILE B 259 3.47 -1.17 -18.00
C ILE B 259 4.02 -2.37 -17.24
N THR B 260 5.33 -2.35 -17.01
CA THR B 260 5.95 -3.30 -16.11
C THR B 260 6.31 -2.57 -14.84
N GLY B 261 5.96 -3.16 -13.70
CA GLY B 261 6.34 -2.60 -12.42
C GLY B 261 5.22 -1.87 -11.71
N ASP B 262 3.98 -2.03 -12.16
CA ASP B 262 2.88 -1.39 -11.46
C ASP B 262 2.71 -1.97 -10.05
N TRP B 263 3.30 -3.15 -9.82
CA TRP B 263 3.32 -3.74 -8.48
C TRP B 263 3.91 -2.81 -7.44
N LYS B 264 4.87 -1.98 -7.83
CA LYS B 264 5.50 -1.03 -6.91
C LYS B 264 4.50 0.00 -6.35
N ASN B 265 3.39 0.17 -7.05
CA ASN B 265 2.36 1.10 -6.62
C ASN B 265 1.27 0.45 -5.79
N HIS B 266 1.40 -0.87 -5.57
CA HIS B 266 0.33 -1.61 -4.90
C HIS B 266 0.78 -2.45 -3.69
N PHE B 267 1.93 -3.11 -3.82
CA PHE B 267 2.46 -3.92 -2.73
C PHE B 267 3.07 -3.04 -1.65
N THR B 268 2.64 -3.23 -0.40
CA THR B 268 3.32 -2.59 0.72
C THR B 268 4.67 -3.29 0.89
N GLU B 269 5.57 -2.70 1.66
CA GLU B 269 6.85 -3.32 1.95
C GLU B 269 6.63 -4.69 2.58
N ALA B 270 5.68 -4.77 3.49
CA ALA B 270 5.40 -6.00 4.22
C ALA B 270 4.88 -7.09 3.27
N LEU B 271 3.91 -6.73 2.45
CA LEU B 271 3.34 -7.67 1.50
C LEU B 271 4.40 -8.11 0.49
N ASN B 272 5.25 -7.16 0.08
CA ASN B 272 6.34 -7.48 -0.82
C ASN B 272 7.30 -8.48 -0.19
N GLU B 273 7.62 -8.27 1.08
CA GLU B 273 8.51 -9.17 1.81
C GLU B 273 7.88 -10.56 1.94
N LYS B 274 6.59 -10.60 2.24
CA LYS B 274 5.88 -11.87 2.36
C LYS B 274 5.82 -12.60 1.01
N PHE B 275 5.49 -11.85 -0.04
CA PHE B 275 5.37 -12.42 -1.38
C PHE B 275 6.71 -12.95 -1.88
N ASP B 276 7.76 -12.16 -1.70
CA ASP B 276 9.09 -12.54 -2.21
C ASP B 276 9.58 -13.84 -1.58
N LYS B 277 9.26 -14.02 -0.31
CA LYS B 277 9.72 -15.18 0.44
C LYS B 277 8.99 -16.42 -0.05
N HIS B 278 7.67 -16.32 -0.16
CA HIS B 278 6.85 -17.35 -0.76
C HIS B 278 7.32 -17.67 -2.20
N TYR B 279 7.58 -16.63 -2.97
CA TYR B 279 8.02 -16.77 -4.35
C TYR B 279 9.28 -17.63 -4.48
N GLU B 280 10.27 -17.38 -3.65
CA GLU B 280 11.51 -18.15 -3.70
C GLU B 280 11.29 -19.63 -3.37
N GLN B 281 10.46 -19.90 -2.36
CA GLN B 281 10.13 -21.28 -2.01
C GLN B 281 9.47 -22.00 -3.19
N GLN B 282 8.62 -21.28 -3.93
CA GLN B 282 7.95 -21.85 -5.08
C GLN B 282 8.87 -21.99 -6.30
N MET B 283 9.82 -21.07 -6.45
CA MET B 283 10.52 -20.94 -7.73
C MET B 283 12.02 -21.24 -7.74
N LYS B 284 12.63 -21.41 -6.58
CA LYS B 284 14.10 -21.51 -6.54
C LYS B 284 14.71 -22.74 -7.24
N GLU B 285 13.91 -23.80 -7.45
CA GLU B 285 14.41 -24.96 -8.16
C GLU B 285 14.13 -24.93 -9.65
N SER B 286 13.57 -23.82 -10.14
CA SER B 286 13.31 -23.69 -11.57
C SER B 286 14.40 -22.87 -12.27
N THR B 287 14.69 -23.20 -13.53
CA THR B 287 15.67 -22.43 -14.29
C THR B 287 15.00 -21.21 -14.93
N LEU B 288 13.67 -21.13 -14.79
CA LEU B 288 12.92 -19.98 -15.25
C LEU B 288 13.26 -18.76 -14.40
N LYS B 289 13.66 -17.67 -15.06
CA LYS B 289 14.04 -16.46 -14.34
C LYS B 289 13.27 -15.22 -14.82
N PHE B 290 12.58 -14.56 -13.90
CA PHE B 290 11.76 -13.39 -14.22
C PHE B 290 12.42 -12.07 -13.84
N ARG B 291 11.89 -10.98 -14.39
CA ARG B 291 12.32 -9.64 -14.04
C ARG B 291 11.12 -8.79 -13.62
N THR B 292 11.21 -8.17 -12.45
CA THR B 292 10.13 -7.32 -11.96
C THR B 292 10.33 -5.86 -12.33
N GLU B 293 11.47 -5.57 -12.97
CA GLU B 293 11.78 -4.22 -13.44
C GLU B 293 12.08 -4.22 -14.93
#